data_6K38
#
_entry.id   6K38
#
_cell.length_a   71.425
_cell.length_b   71.425
_cell.length_c   98.511
_cell.angle_alpha   90.00
_cell.angle_beta   90.00
_cell.angle_gamma   120.00
#
_symmetry.space_group_name_H-M   'P 31 2 1'
#
loop_
_entity.id
_entity.type
_entity.pdbx_description
1 polymer 'Slr0355 protein'
2 non-polymer '(8S)-8-azanylnonanoic acid'
3 water water
#
_entity_poly.entity_id   1
_entity_poly.type   'polypeptide(L)'
_entity_poly.pdbx_seq_one_letter_code
;MKHHHHHHHHGGLVPRGSHGGSMENNSLAPLRVGILGFGGLGQAAARLLAPKQEMKLVAVADRHGYLYDADGIDVDNAVQ
AYTQQGSVGKAKKGQMSEQSIEDLIGEGEVDGYFLALPNLPNTFMADVTRQFIASGWQGVLVDALKRTSAVEQLITLRED
LAQAGITYMTGCGATPGLLTAAAAIASQSFQEIHQVKITFGVGIANWEAYRATIREDIAHMPGYNVDKAQAMTDAEVAAL
LDQTNGILALEDMEAADDIMLELAGICHRDQVTVGGVVDTRNPKKPLSTHVKITGRTFEGKISSHTFTLGDETSMAANVC
GPAFGYLKAGYGLHRQGLKGLFTAADVMPKFVR
;
_entity_poly.pdbx_strand_id   A
#
# COMPACT_ATOMS: atom_id res chain seq x y z
N SER A 27 -10.99 -20.63 9.59
CA SER A 27 -11.28 -20.19 11.00
C SER A 27 -10.71 -21.21 12.00
N LEU A 28 -10.70 -22.50 11.65
CA LEU A 28 -9.85 -23.51 12.33
C LEU A 28 -8.44 -23.38 11.74
N ALA A 29 -8.34 -22.95 10.47
CA ALA A 29 -7.10 -22.78 9.70
C ALA A 29 -7.02 -21.38 9.11
N PRO A 30 -6.88 -20.32 9.94
CA PRO A 30 -6.75 -18.95 9.41
C PRO A 30 -5.48 -18.81 8.56
N LEU A 31 -5.49 -17.85 7.62
CA LEU A 31 -4.28 -17.40 6.92
C LEU A 31 -3.38 -16.73 7.96
N ARG A 32 -2.14 -17.23 8.11
CA ARG A 32 -1.13 -16.66 9.03
C ARG A 32 -0.42 -15.54 8.27
N VAL A 33 -0.52 -14.30 8.75
CA VAL A 33 0.03 -13.17 7.96
C VAL A 33 1.05 -12.39 8.79
N GLY A 34 1.93 -11.70 8.08
CA GLY A 34 2.89 -10.78 8.69
C GLY A 34 2.79 -9.40 8.09
N ILE A 35 3.35 -8.43 8.80
CA ILE A 35 3.45 -7.03 8.34
C ILE A 35 4.91 -6.62 8.43
N LEU A 36 5.50 -6.17 7.33
CA LEU A 36 6.88 -5.61 7.37
C LEU A 36 6.75 -4.10 7.29
N GLY A 37 7.31 -3.43 8.29
CA GLY A 37 7.13 -1.98 8.50
C GLY A 37 6.04 -1.77 9.53
N PHE A 38 6.34 -0.99 10.56
CA PHE A 38 5.41 -0.77 11.69
C PHE A 38 5.36 0.72 12.07
N GLY A 39 5.42 1.59 11.07
CA GLY A 39 5.02 2.99 11.18
C GLY A 39 3.50 3.06 11.22
N GLY A 40 2.91 4.20 10.88
CA GLY A 40 1.45 4.40 11.01
C GLY A 40 0.65 3.38 10.22
N LEU A 41 1.07 3.06 9.00
CA LEU A 41 0.34 2.12 8.12
C LEU A 41 0.38 0.70 8.68
N GLY A 42 1.54 0.15 9.02
CA GLY A 42 1.64 -1.22 9.54
C GLY A 42 0.89 -1.37 10.86
N GLN A 43 0.97 -0.37 11.73
CA GLN A 43 0.24 -0.32 13.03
C GLN A 43 -1.26 -0.39 12.72
N ALA A 44 -1.73 0.46 11.80
CA ALA A 44 -3.16 0.41 11.38
C ALA A 44 -3.51 -0.97 10.84
N ALA A 45 -2.67 -1.58 9.98
CA ALA A 45 -2.94 -2.93 9.43
C ALA A 45 -3.10 -3.94 10.56
N ALA A 46 -2.26 -3.85 11.60
CA ALA A 46 -2.34 -4.78 12.76
C ALA A 46 -3.71 -4.64 13.45
N ARG A 47 -4.16 -3.40 13.65
CA ARG A 47 -5.46 -3.07 14.29
C ARG A 47 -6.58 -3.62 13.40
N LEU A 48 -6.50 -3.44 12.08
CA LEU A 48 -7.53 -3.96 11.16
C LEU A 48 -7.65 -5.48 11.25
N LEU A 49 -6.53 -6.19 11.42
CA LEU A 49 -6.57 -7.66 11.40
C LEU A 49 -7.20 -8.20 12.71
N ALA A 50 -7.24 -7.42 13.77
CA ALA A 50 -7.54 -7.91 15.15
C ALA A 50 -8.86 -8.66 15.20
N PRO A 51 -9.99 -8.11 14.70
CA PRO A 51 -11.26 -8.84 14.72
C PRO A 51 -11.42 -9.95 13.67
N LYS A 52 -10.48 -10.12 12.74
CA LYS A 52 -10.61 -11.11 11.65
C LYS A 52 -10.58 -12.52 12.24
N GLN A 53 -11.44 -13.39 11.74
CA GLN A 53 -11.50 -14.83 12.14
C GLN A 53 -10.58 -15.64 11.23
N GLU A 54 -10.52 -15.29 9.95
CA GLU A 54 -9.91 -16.14 8.90
C GLU A 54 -8.56 -15.57 8.47
N MET A 55 -8.08 -14.57 9.20
CA MET A 55 -6.69 -14.05 9.08
C MET A 55 -6.13 -13.76 10.48
N LYS A 56 -4.90 -14.21 10.73
CA LYS A 56 -4.24 -14.08 12.04
C LYS A 56 -2.86 -13.43 11.85
N LEU A 57 -2.63 -12.28 12.49
CA LEU A 57 -1.29 -11.62 12.47
C LEU A 57 -0.36 -12.41 13.40
N VAL A 58 0.71 -12.99 12.83
CA VAL A 58 1.70 -13.85 13.57
C VAL A 58 3.09 -13.17 13.58
N ALA A 59 3.29 -12.10 12.81
CA ALA A 59 4.65 -11.60 12.50
C ALA A 59 4.62 -10.10 12.17
N VAL A 60 5.42 -9.32 12.89
CA VAL A 60 5.76 -7.91 12.54
C VAL A 60 7.29 -7.77 12.52
N ALA A 61 7.81 -6.92 11.63
CA ALA A 61 9.22 -6.49 11.63
C ALA A 61 9.31 -5.02 11.28
N ASP A 62 10.25 -4.34 11.92
CA ASP A 62 10.68 -2.96 11.58
C ASP A 62 12.20 -3.04 11.35
N ARG A 63 12.83 -1.89 11.10
CA ARG A 63 14.29 -1.75 10.79
C ARG A 63 15.17 -2.39 11.87
N HIS A 64 14.77 -2.36 13.15
CA HIS A 64 15.70 -2.63 14.29
C HIS A 64 15.28 -3.87 15.09
N GLY A 65 14.19 -4.55 14.73
CA GLY A 65 13.68 -5.67 15.53
C GLY A 65 12.48 -6.35 14.88
N TYR A 66 12.13 -7.54 15.38
CA TYR A 66 10.93 -8.26 14.88
C TYR A 66 10.21 -8.94 16.05
N LEU A 67 9.00 -9.41 15.75
CA LEU A 67 8.10 -10.06 16.70
C LEU A 67 7.39 -11.18 15.96
N TYR A 68 7.63 -12.42 16.38
CA TYR A 68 6.89 -13.61 15.89
C TYR A 68 6.08 -14.20 17.05
N ASP A 69 4.88 -14.66 16.74
CA ASP A 69 4.00 -15.39 17.69
C ASP A 69 2.96 -16.16 16.90
N ALA A 70 3.14 -17.48 16.75
CA ALA A 70 2.24 -18.34 15.96
C ALA A 70 0.82 -18.33 16.53
N ASP A 71 0.67 -17.89 17.79
CA ASP A 71 -0.63 -17.86 18.51
C ASP A 71 -1.33 -16.52 18.26
N GLY A 72 -0.64 -15.55 17.63
CA GLY A 72 -1.21 -14.24 17.29
C GLY A 72 -0.55 -13.13 18.07
N ILE A 73 -0.11 -12.08 17.38
CA ILE A 73 0.58 -10.89 17.95
C ILE A 73 -0.33 -10.25 18.99
N ASP A 74 0.24 -9.81 20.12
CA ASP A 74 -0.40 -8.84 21.04
C ASP A 74 -0.13 -7.45 20.47
N VAL A 75 -1.13 -6.87 19.82
CA VAL A 75 -0.94 -5.64 19.00
C VAL A 75 -0.71 -4.49 19.97
N ASP A 76 -1.37 -4.49 21.13
CA ASP A 76 -1.19 -3.41 22.13
C ASP A 76 0.28 -3.36 22.54
N ASN A 77 0.86 -4.53 22.81
CA ASN A 77 2.25 -4.64 23.29
C ASN A 77 3.20 -4.20 22.17
N ALA A 78 2.95 -4.61 20.92
CA ALA A 78 3.82 -4.29 19.77
C ALA A 78 3.83 -2.78 19.56
N VAL A 79 2.68 -2.11 19.65
CA VAL A 79 2.56 -0.65 19.39
C VAL A 79 3.25 0.14 20.52
N GLN A 80 2.99 -0.24 21.77
CA GLN A 80 3.72 0.28 22.96
C GLN A 80 5.23 0.24 22.68
N ALA A 81 5.77 -0.96 22.42
CA ALA A 81 7.21 -1.18 22.18
C ALA A 81 7.68 -0.22 21.10
N TYR A 82 6.96 -0.17 19.96
CA TYR A 82 7.43 0.60 18.78
C TYR A 82 7.46 2.08 19.16
N THR A 83 6.37 2.60 19.73
CA THR A 83 6.20 4.05 19.94
C THR A 83 7.07 4.49 21.12
N GLN A 84 7.15 3.65 22.17
CA GLN A 84 7.85 3.98 23.44
C GLN A 84 9.34 3.67 23.30
N GLN A 85 9.70 2.50 22.77
CA GLN A 85 11.11 2.00 22.74
C GLN A 85 11.72 2.05 21.33
N GLY A 86 10.96 2.44 20.30
CA GLY A 86 11.51 2.67 18.94
C GLY A 86 11.57 1.42 18.09
N SER A 87 11.16 0.24 18.59
CA SER A 87 11.10 -1.01 17.79
C SER A 87 10.22 -2.08 18.43
N VAL A 88 9.52 -2.89 17.61
CA VAL A 88 8.75 -4.06 18.11
C VAL A 88 9.73 -5.09 18.68
N GLY A 89 11.02 -5.01 18.35
CA GLY A 89 12.04 -5.86 18.97
C GLY A 89 12.00 -5.77 20.49
N LYS A 90 11.47 -4.69 21.05
CA LYS A 90 11.43 -4.43 22.52
C LYS A 90 10.10 -4.88 23.11
N ALA A 91 9.15 -5.33 22.31
CA ALA A 91 7.90 -5.98 22.80
C ALA A 91 8.29 -7.24 23.57
N LYS A 92 7.42 -7.69 24.48
CA LYS A 92 7.44 -9.09 24.99
C LYS A 92 7.56 -10.02 23.77
N LYS A 93 8.40 -11.05 23.89
CA LYS A 93 8.70 -12.03 22.81
C LYS A 93 9.42 -11.35 21.63
N GLY A 94 9.70 -10.05 21.72
CA GLY A 94 10.42 -9.29 20.68
C GLY A 94 11.90 -9.68 20.62
N GLN A 95 12.48 -9.65 19.43
CA GLN A 95 13.94 -9.83 19.19
C GLN A 95 14.48 -8.57 18.51
N MET A 96 15.43 -7.89 19.16
CA MET A 96 16.25 -6.84 18.52
C MET A 96 17.13 -7.53 17.46
N SER A 97 17.31 -6.89 16.31
CA SER A 97 18.10 -7.40 15.17
C SER A 97 18.23 -6.32 14.10
N GLU A 98 19.43 -6.16 13.53
CA GLU A 98 19.71 -5.22 12.40
C GLU A 98 19.47 -5.94 11.07
N GLN A 99 19.23 -7.25 11.10
CA GLN A 99 18.76 -8.02 9.93
C GLN A 99 17.36 -8.59 10.25
N SER A 100 16.44 -7.73 10.69
CA SER A 100 15.11 -8.10 11.23
C SER A 100 14.30 -8.89 10.19
N ILE A 101 14.28 -8.44 8.93
CA ILE A 101 13.49 -9.06 7.83
C ILE A 101 14.10 -10.43 7.47
N GLU A 102 15.41 -10.49 7.27
CA GLU A 102 16.14 -11.76 7.00
C GLU A 102 15.81 -12.75 8.13
N ASP A 103 15.87 -12.29 9.38
CA ASP A 103 15.62 -13.16 10.56
C ASP A 103 14.17 -13.64 10.54
N LEU A 104 13.22 -12.71 10.41
CA LEU A 104 11.78 -13.03 10.57
C LEU A 104 11.37 -14.08 9.53
N ILE A 105 11.80 -13.92 8.29
CA ILE A 105 11.41 -14.79 7.15
C ILE A 105 11.69 -16.25 7.53
N GLY A 106 12.85 -16.52 8.16
CA GLY A 106 13.33 -17.88 8.45
C GLY A 106 12.76 -18.47 9.74
N GLU A 107 12.20 -17.65 10.63
CA GLU A 107 11.87 -18.06 12.02
C GLU A 107 10.47 -18.71 12.10
N GLY A 108 9.57 -18.43 11.16
CA GLY A 108 8.13 -18.71 11.38
C GLY A 108 7.36 -19.12 10.14
N GLU A 109 6.27 -19.86 10.35
CA GLU A 109 5.30 -20.27 9.31
C GLU A 109 4.36 -19.08 9.04
N VAL A 110 4.60 -18.36 7.94
CA VAL A 110 3.78 -17.19 7.50
C VAL A 110 3.34 -17.44 6.05
N ASP A 111 2.03 -17.39 5.78
CA ASP A 111 1.39 -17.64 4.45
C ASP A 111 1.45 -16.42 3.52
N GLY A 112 1.46 -15.21 4.07
CA GLY A 112 1.49 -13.98 3.25
C GLY A 112 1.95 -12.80 4.06
N TYR A 113 2.68 -11.88 3.44
CA TYR A 113 3.13 -10.64 4.13
C TYR A 113 2.57 -9.43 3.41
N PHE A 114 2.14 -8.44 4.21
CA PHE A 114 1.90 -7.04 3.78
C PHE A 114 3.19 -6.23 3.97
N LEU A 115 3.73 -5.75 2.85
CA LEU A 115 4.95 -4.90 2.81
C LEU A 115 4.52 -3.46 3.04
N ALA A 116 4.43 -3.04 4.30
CA ALA A 116 3.99 -1.68 4.72
C ALA A 116 5.23 -0.81 4.94
N LEU A 117 6.22 -1.00 4.08
CA LEU A 117 7.53 -0.31 4.13
C LEU A 117 7.44 0.94 3.27
N PRO A 118 7.98 2.08 3.72
CA PRO A 118 8.24 3.19 2.81
C PRO A 118 9.29 2.71 1.80
N ASN A 119 9.08 2.97 0.50
CA ASN A 119 10.06 2.66 -0.57
C ASN A 119 11.20 3.69 -0.48
N LEU A 120 12.06 3.55 0.53
CA LEU A 120 13.19 4.47 0.83
C LEU A 120 14.37 3.63 1.33
N PRO A 121 15.50 3.55 0.58
CA PRO A 121 15.62 4.19 -0.73
C PRO A 121 14.65 3.63 -1.79
N ASN A 122 14.63 4.24 -2.98
CA ASN A 122 13.57 4.02 -4.00
C ASN A 122 13.63 2.59 -4.56
N THR A 123 14.61 1.76 -4.16
CA THR A 123 14.74 0.36 -4.60
C THR A 123 14.45 -0.62 -3.46
N PHE A 124 14.04 -0.12 -2.29
CA PHE A 124 13.95 -0.92 -1.02
C PHE A 124 12.90 -2.02 -1.20
N MET A 125 11.71 -1.70 -1.72
CA MET A 125 10.58 -2.67 -1.87
C MET A 125 11.05 -3.82 -2.77
N ALA A 126 11.63 -3.47 -3.92
CA ALA A 126 12.25 -4.43 -4.87
C ALA A 126 13.38 -5.19 -4.16
N ASP A 127 14.14 -4.52 -3.29
CA ASP A 127 15.28 -5.15 -2.58
C ASP A 127 14.73 -6.10 -1.51
N VAL A 128 13.71 -5.69 -0.74
CA VAL A 128 13.01 -6.60 0.21
C VAL A 128 12.46 -7.79 -0.56
N THR A 129 11.89 -7.53 -1.74
CA THR A 129 11.30 -8.59 -2.58
C THR A 129 12.43 -9.50 -3.08
N ARG A 130 13.58 -8.94 -3.44
CA ARG A 130 14.75 -9.78 -3.87
C ARG A 130 15.19 -10.65 -2.68
N GLN A 131 15.07 -10.13 -1.45
CA GLN A 131 15.36 -10.94 -0.24
C GLN A 131 14.40 -12.13 -0.20
N PHE A 132 13.12 -11.91 -0.46
CA PHE A 132 12.09 -12.97 -0.38
C PHE A 132 12.39 -14.03 -1.43
N ILE A 133 12.71 -13.59 -2.64
CA ILE A 133 13.11 -14.48 -3.78
C ILE A 133 14.34 -15.31 -3.35
N ALA A 134 15.34 -14.67 -2.73
CA ALA A 134 16.64 -15.29 -2.34
C ALA A 134 16.43 -16.33 -1.22
N SER A 135 15.43 -16.13 -0.34
CA SER A 135 15.21 -16.93 0.89
C SER A 135 14.64 -18.32 0.57
N GLY A 136 14.01 -18.51 -0.58
CA GLY A 136 13.32 -19.77 -0.95
C GLY A 136 11.93 -19.88 -0.33
N TRP A 137 11.51 -18.86 0.42
CA TRP A 137 10.11 -18.71 0.90
C TRP A 137 9.17 -18.56 -0.30
N GLN A 138 8.00 -19.20 -0.21
CA GLN A 138 6.90 -19.06 -1.18
C GLN A 138 5.61 -18.74 -0.43
N GLY A 139 4.69 -18.11 -1.14
CA GLY A 139 3.44 -17.62 -0.56
C GLY A 139 3.12 -16.28 -1.19
N VAL A 140 2.35 -15.45 -0.50
CA VAL A 140 1.74 -14.23 -1.09
C VAL A 140 2.46 -13.03 -0.51
N LEU A 141 2.83 -12.09 -1.35
CA LEU A 141 3.26 -10.74 -0.92
C LEU A 141 2.28 -9.72 -1.48
N VAL A 142 2.02 -8.69 -0.70
CA VAL A 142 1.17 -7.53 -1.11
C VAL A 142 1.88 -6.24 -0.72
N ASP A 143 1.88 -5.27 -1.62
CA ASP A 143 2.36 -3.91 -1.31
C ASP A 143 1.25 -2.91 -1.60
N ALA A 144 1.43 -1.70 -1.07
CA ALA A 144 0.64 -0.52 -1.38
C ALA A 144 1.55 0.53 -1.98
N LEU A 145 2.44 0.13 -2.91
CA LEU A 145 3.32 1.09 -3.63
C LEU A 145 2.44 2.14 -4.29
N LYS A 146 3.02 3.30 -4.58
CA LYS A 146 2.33 4.44 -5.19
C LYS A 146 2.93 4.80 -6.55
N ARG A 147 4.24 4.92 -6.63
CA ARG A 147 4.91 5.53 -7.81
C ARG A 147 5.03 4.50 -8.94
N THR A 148 4.70 4.94 -10.14
CA THR A 148 4.87 4.16 -11.39
C THR A 148 6.24 3.46 -11.43
N SER A 149 7.33 4.20 -11.20
CA SER A 149 8.71 3.68 -11.33
C SER A 149 8.97 2.55 -10.33
N ALA A 150 8.32 2.58 -9.16
CA ALA A 150 8.43 1.53 -8.14
C ALA A 150 7.75 0.25 -8.65
N VAL A 151 6.52 0.35 -9.13
CA VAL A 151 5.78 -0.81 -9.71
C VAL A 151 6.56 -1.33 -10.93
N GLU A 152 7.23 -0.45 -11.69
CA GLU A 152 8.07 -0.86 -12.86
C GLU A 152 9.20 -1.76 -12.39
N GLN A 153 9.81 -1.49 -11.23
CA GLN A 153 10.91 -2.34 -10.68
C GLN A 153 10.38 -3.73 -10.33
N LEU A 154 9.15 -3.81 -9.81
CA LEU A 154 8.52 -5.11 -9.47
C LEU A 154 8.14 -5.87 -10.75
N ILE A 155 7.68 -5.18 -11.81
CA ILE A 155 7.35 -5.80 -13.13
C ILE A 155 8.61 -6.50 -13.67
N THR A 156 9.79 -5.90 -13.55
CA THR A 156 11.07 -6.50 -14.03
C THR A 156 11.29 -7.86 -13.33
N LEU A 157 10.76 -8.05 -12.13
CA LEU A 157 10.98 -9.27 -11.29
C LEU A 157 9.90 -10.33 -11.51
N ARG A 158 9.00 -10.19 -12.48
CA ARG A 158 7.80 -11.07 -12.53
C ARG A 158 8.20 -12.53 -12.75
N GLU A 159 9.22 -12.81 -13.57
CA GLU A 159 9.64 -14.22 -13.81
C GLU A 159 10.40 -14.74 -12.58
N ASP A 160 11.22 -13.90 -11.96
CA ASP A 160 11.96 -14.23 -10.71
C ASP A 160 10.96 -14.64 -9.62
N LEU A 161 9.86 -13.91 -9.56
CA LEU A 161 8.79 -14.19 -8.61
C LEU A 161 8.13 -15.52 -8.89
N ALA A 162 7.72 -15.69 -10.12
CA ALA A 162 7.09 -16.95 -10.61
C ALA A 162 7.99 -18.15 -10.27
N GLN A 163 9.27 -18.12 -10.63
CA GLN A 163 10.21 -19.25 -10.41
C GLN A 163 10.34 -19.54 -8.92
N ALA A 164 10.36 -18.47 -8.10
CA ALA A 164 10.45 -18.54 -6.62
C ALA A 164 9.18 -19.17 -6.03
N GLY A 165 8.06 -19.11 -6.75
CA GLY A 165 6.77 -19.65 -6.27
C GLY A 165 6.05 -18.62 -5.39
N ILE A 166 6.35 -17.34 -5.61
CA ILE A 166 5.70 -16.21 -4.90
C ILE A 166 4.56 -15.68 -5.77
N THR A 167 3.40 -15.38 -5.15
CA THR A 167 2.30 -14.64 -5.80
C THR A 167 2.32 -13.22 -5.23
N TYR A 168 2.64 -12.25 -6.07
CA TYR A 168 2.95 -10.85 -5.66
C TYR A 168 1.83 -9.93 -6.16
N MET A 169 1.14 -9.27 -5.22
CA MET A 169 0.04 -8.32 -5.53
C MET A 169 0.57 -6.90 -5.34
N THR A 170 0.78 -6.15 -6.42
CA THR A 170 1.40 -4.80 -6.36
C THR A 170 0.32 -3.70 -6.50
N GLY A 171 0.50 -2.58 -5.80
CA GLY A 171 -0.35 -1.38 -5.89
C GLY A 171 -1.75 -1.65 -5.35
N CYS A 172 -1.84 -2.33 -4.20
CA CYS A 172 -3.12 -2.88 -3.67
C CYS A 172 -3.55 -2.10 -2.41
N GLY A 173 -3.37 -0.79 -2.45
CA GLY A 173 -3.77 0.17 -1.40
C GLY A 173 -5.05 0.89 -1.77
N ALA A 174 -5.09 2.19 -1.54
CA ALA A 174 -6.25 3.04 -1.82
C ALA A 174 -6.13 3.48 -3.29
N THR A 175 -5.04 4.16 -3.60
CA THR A 175 -4.71 4.57 -4.98
C THR A 175 -3.19 4.66 -5.01
N PRO A 176 -2.50 3.81 -5.78
CA PRO A 176 -3.12 2.70 -6.50
C PRO A 176 -3.84 1.71 -5.58
N GLY A 177 -4.86 1.03 -6.11
CA GLY A 177 -5.53 -0.12 -5.45
C GLY A 177 -7.02 -0.07 -5.65
N LEU A 178 -7.76 0.12 -4.56
CA LEU A 178 -9.24 0.28 -4.55
C LEU A 178 -9.72 1.07 -5.76
N LEU A 179 -9.24 2.30 -5.93
CA LEU A 179 -9.71 3.21 -7.01
C LEU A 179 -9.31 2.67 -8.39
N THR A 180 -8.16 2.03 -8.49
CA THR A 180 -7.69 1.40 -9.73
C THR A 180 -8.64 0.27 -10.12
N ALA A 181 -9.06 -0.58 -9.17
CA ALA A 181 -10.01 -1.68 -9.42
C ALA A 181 -11.37 -1.09 -9.82
N ALA A 182 -11.79 0.01 -9.17
CA ALA A 182 -13.08 0.67 -9.46
C ALA A 182 -13.06 1.14 -10.92
N ALA A 183 -11.93 1.70 -11.35
CA ALA A 183 -11.81 2.19 -12.74
C ALA A 183 -11.85 1.02 -13.72
N ALA A 184 -11.16 -0.08 -13.43
CA ALA A 184 -11.12 -1.31 -14.26
C ALA A 184 -12.57 -1.84 -14.44
N ILE A 185 -13.39 -1.84 -13.39
CA ILE A 185 -14.82 -2.29 -13.50
C ILE A 185 -15.63 -1.27 -14.31
N ALA A 186 -15.49 0.03 -14.00
CA ALA A 186 -16.24 1.14 -14.61
C ALA A 186 -15.99 1.17 -16.12
N SER A 187 -14.77 0.84 -16.53
CA SER A 187 -14.29 0.81 -17.94
C SER A 187 -15.17 -0.12 -18.81
N GLN A 188 -15.91 -1.06 -18.22
CA GLN A 188 -16.58 -2.10 -19.02
C GLN A 188 -17.75 -1.52 -19.82
N SER A 189 -18.30 -0.35 -19.43
CA SER A 189 -19.44 0.30 -20.14
C SER A 189 -18.98 0.91 -21.48
N PHE A 190 -17.68 1.09 -21.69
CA PHE A 190 -17.13 1.95 -22.78
C PHE A 190 -16.44 1.14 -23.87
N GLN A 191 -16.59 1.61 -25.12
CA GLN A 191 -15.78 1.18 -26.30
C GLN A 191 -14.38 1.74 -26.19
N GLU A 192 -14.28 3.02 -25.82
CA GLU A 192 -12.96 3.68 -25.68
C GLU A 192 -12.98 4.50 -24.40
N ILE A 193 -11.90 4.35 -23.64
CA ILE A 193 -11.62 5.25 -22.49
C ILE A 193 -10.92 6.52 -22.99
N HIS A 194 -11.38 7.64 -22.48
CA HIS A 194 -10.85 9.02 -22.73
C HIS A 194 -9.99 9.45 -21.54
N GLN A 195 -10.44 9.18 -20.32
CA GLN A 195 -9.74 9.71 -19.12
C GLN A 195 -10.11 8.89 -17.89
N VAL A 196 -9.11 8.67 -17.05
CA VAL A 196 -9.33 8.20 -15.65
C VAL A 196 -8.70 9.26 -14.76
N LYS A 197 -9.51 9.95 -13.96
CA LYS A 197 -9.02 11.05 -13.10
C LYS A 197 -9.29 10.67 -11.65
N ILE A 198 -8.23 10.58 -10.87
CA ILE A 198 -8.27 10.23 -9.42
C ILE A 198 -7.96 11.50 -8.67
N THR A 199 -8.82 11.83 -7.71
CA THR A 199 -8.71 13.01 -6.80
C THR A 199 -8.85 12.47 -5.38
N PHE A 200 -7.80 12.53 -4.57
CA PHE A 200 -7.91 11.95 -3.21
C PHE A 200 -7.84 13.07 -2.17
N GLY A 201 -8.43 12.79 -1.02
CA GLY A 201 -8.36 13.62 0.20
C GLY A 201 -7.77 12.80 1.33
N VAL A 202 -6.88 13.41 2.12
CA VAL A 202 -6.38 12.84 3.39
C VAL A 202 -6.43 13.95 4.45
N GLY A 203 -7.06 13.64 5.58
CA GLY A 203 -6.98 14.39 6.84
C GLY A 203 -6.13 13.65 7.84
N ILE A 204 -5.09 14.29 8.37
CA ILE A 204 -4.17 13.70 9.39
C ILE A 204 -4.76 13.96 10.77
N ALA A 205 -5.10 12.89 11.49
CA ALA A 205 -5.66 12.91 12.86
C ALA A 205 -4.51 12.94 13.88
N ASN A 206 -3.43 12.21 13.59
CA ASN A 206 -2.27 12.02 14.52
C ASN A 206 -0.97 12.26 13.75
N TRP A 207 -0.42 13.48 13.91
CA TRP A 207 0.90 13.91 13.38
C TRP A 207 1.98 12.86 13.71
N GLU A 208 1.95 12.32 14.93
CA GLU A 208 2.89 11.27 15.44
C GLU A 208 3.06 10.17 14.39
N ALA A 209 1.96 9.51 14.00
CA ALA A 209 1.95 8.35 13.08
C ALA A 209 1.95 8.81 11.62
N TYR A 210 2.35 10.07 11.34
CA TYR A 210 2.44 10.63 9.96
C TYR A 210 3.80 11.26 9.70
N ARG A 211 4.34 12.04 10.65
CA ARG A 211 5.61 12.81 10.45
C ARG A 211 6.71 11.88 9.93
N ALA A 212 6.64 10.59 10.20
CA ALA A 212 7.58 9.60 9.64
C ALA A 212 7.46 9.56 8.10
N THR A 213 6.28 9.85 7.53
CA THR A 213 6.00 9.65 6.08
C THR A 213 5.62 10.96 5.37
N ILE A 214 5.58 12.11 6.04
CA ILE A 214 5.17 13.37 5.36
C ILE A 214 6.10 13.68 4.16
N ARG A 215 7.40 13.37 4.24
CA ARG A 215 8.35 13.68 3.13
C ARG A 215 7.96 12.88 1.87
N GLU A 216 7.34 11.71 2.00
CA GLU A 216 6.79 10.94 0.85
C GLU A 216 5.78 11.82 0.06
N ASP A 217 4.97 12.61 0.76
CA ASP A 217 3.90 13.44 0.12
C ASP A 217 4.52 14.74 -0.40
N ILE A 218 5.41 15.35 0.39
CA ILE A 218 6.06 16.65 0.03
C ILE A 218 6.87 16.47 -1.26
N ALA A 219 7.41 15.28 -1.53
CA ALA A 219 8.21 14.98 -2.75
C ALA A 219 7.41 15.31 -4.01
N HIS A 220 6.09 15.31 -3.91
CA HIS A 220 5.14 15.56 -5.04
C HIS A 220 4.77 17.04 -5.13
N MET A 221 5.29 17.89 -4.23
CA MET A 221 5.02 19.34 -4.23
C MET A 221 5.82 19.99 -5.36
N PRO A 222 5.37 21.16 -5.88
CA PRO A 222 6.06 21.85 -6.95
C PRO A 222 7.52 22.17 -6.56
N GLY A 223 8.46 21.79 -7.41
CA GLY A 223 9.91 22.05 -7.24
C GLY A 223 10.60 21.07 -6.29
N TYR A 224 9.90 20.03 -5.82
CA TYR A 224 10.46 18.99 -4.92
C TYR A 224 10.65 17.70 -5.72
N ASN A 225 11.55 16.84 -5.23
CA ASN A 225 11.76 15.43 -5.67
C ASN A 225 12.00 14.58 -4.41
N VAL A 226 12.08 13.27 -4.55
CA VAL A 226 12.23 12.32 -3.40
C VAL A 226 13.50 12.67 -2.61
N ASP A 227 14.61 13.01 -3.27
CA ASP A 227 15.90 13.25 -2.59
C ASP A 227 15.80 14.53 -1.77
N LYS A 228 15.22 15.58 -2.35
CA LYS A 228 15.08 16.92 -1.73
C LYS A 228 14.14 16.81 -0.52
N ALA A 229 13.02 16.08 -0.66
CA ALA A 229 12.01 15.91 0.42
C ALA A 229 12.63 15.14 1.59
N GLN A 230 13.35 14.05 1.30
CA GLN A 230 13.86 13.12 2.34
C GLN A 230 14.92 13.85 3.19
N ALA A 231 15.71 14.75 2.60
CA ALA A 231 16.81 15.50 3.29
C ALA A 231 16.25 16.64 4.14
N MET A 232 14.96 16.95 4.05
CA MET A 232 14.39 18.12 4.76
C MET A 232 14.49 17.88 6.27
N THR A 233 14.79 18.94 7.02
CA THR A 233 14.68 18.98 8.50
C THR A 233 13.22 19.27 8.86
N ASP A 234 12.81 18.99 10.09
CA ASP A 234 11.48 19.41 10.60
C ASP A 234 11.35 20.93 10.49
N ALA A 235 12.45 21.70 10.66
CA ALA A 235 12.44 23.17 10.49
C ALA A 235 11.93 23.48 9.08
N GLU A 236 12.48 22.79 8.08
CA GLU A 236 12.11 23.05 6.67
C GLU A 236 10.68 22.57 6.42
N VAL A 237 10.27 21.42 6.97
CA VAL A 237 8.89 20.88 6.82
C VAL A 237 7.89 21.90 7.40
N ALA A 238 8.07 22.29 8.66
CA ALA A 238 7.18 23.25 9.37
C ALA A 238 7.14 24.57 8.59
N ALA A 239 8.30 25.00 8.06
CA ALA A 239 8.46 26.22 7.23
C ALA A 239 7.51 26.14 6.03
N LEU A 240 7.67 25.08 5.22
CA LEU A 240 6.82 24.79 4.03
C LEU A 240 5.34 24.72 4.42
N LEU A 241 4.98 23.95 5.46
CA LEU A 241 3.57 23.71 5.83
C LEU A 241 2.91 25.00 6.31
N ASP A 242 3.67 25.88 6.98
CA ASP A 242 3.15 27.17 7.51
C ASP A 242 2.72 28.08 6.37
N GLN A 243 3.37 27.94 5.20
CA GLN A 243 3.05 28.73 3.98
C GLN A 243 1.65 28.39 3.43
N THR A 244 1.01 27.29 3.85
CA THR A 244 -0.31 26.84 3.31
C THR A 244 -1.22 26.28 4.41
N ASN A 245 -1.09 26.72 5.65
CA ASN A 245 -1.92 26.23 6.78
C ASN A 245 -1.93 24.70 6.81
N GLY A 246 -0.79 24.07 6.46
CA GLY A 246 -0.59 22.62 6.57
C GLY A 246 -1.25 21.85 5.44
N ILE A 247 -1.55 22.50 4.31
CA ILE A 247 -2.24 21.83 3.17
C ILE A 247 -1.20 21.52 2.10
N LEU A 248 -1.21 20.26 1.62
CA LEU A 248 -0.37 19.79 0.48
C LEU A 248 -1.30 19.48 -0.68
N ALA A 249 -1.41 20.41 -1.64
CA ALA A 249 -2.20 20.24 -2.87
C ALA A 249 -1.29 19.64 -3.95
N LEU A 250 -1.50 18.37 -4.28
CA LEU A 250 -0.57 17.60 -5.15
C LEU A 250 -1.26 17.40 -6.50
N GLU A 251 -0.53 17.56 -7.61
CA GLU A 251 -1.12 17.47 -8.98
C GLU A 251 -0.23 16.66 -9.90
N ASP A 252 -0.84 15.95 -10.86
CA ASP A 252 -0.11 15.14 -11.87
C ASP A 252 0.97 14.35 -11.17
N MET A 253 0.61 13.59 -10.15
CA MET A 253 1.60 12.78 -9.40
C MET A 253 2.09 11.61 -10.26
N GLU A 254 3.35 11.23 -10.07
CA GLU A 254 3.89 9.91 -10.52
C GLU A 254 3.13 8.88 -9.69
N ALA A 255 2.20 8.18 -10.33
CA ALA A 255 1.22 7.33 -9.62
C ALA A 255 0.87 6.11 -10.51
N ALA A 256 1.23 4.92 -10.03
CA ALA A 256 1.19 3.62 -10.74
C ALA A 256 -0.21 3.22 -11.24
N ASP A 257 -1.28 3.95 -10.91
CA ASP A 257 -2.62 3.67 -11.48
C ASP A 257 -2.48 3.72 -13.02
N ASP A 258 -1.65 4.63 -13.50
CA ASP A 258 -1.45 4.79 -14.97
C ASP A 258 -0.98 3.47 -15.62
N ILE A 259 0.16 2.88 -15.23
CA ILE A 259 0.71 1.62 -15.81
C ILE A 259 -0.20 0.44 -15.45
N MET A 260 -0.84 0.45 -14.28
CA MET A 260 -1.72 -0.68 -13.93
C MET A 260 -2.92 -0.76 -14.89
N LEU A 261 -3.58 0.36 -15.20
CA LEU A 261 -4.72 0.38 -16.15
C LEU A 261 -4.22 0.15 -17.60
N GLU A 262 -3.02 0.61 -17.91
CA GLU A 262 -2.39 0.32 -19.23
C GLU A 262 -2.14 -1.18 -19.40
N LEU A 263 -1.54 -1.84 -18.43
CA LEU A 263 -1.24 -3.29 -18.47
C LEU A 263 -2.55 -4.07 -18.52
N ALA A 264 -3.63 -3.56 -17.93
CA ALA A 264 -4.95 -4.21 -17.92
C ALA A 264 -5.66 -4.02 -19.27
N GLY A 265 -5.06 -3.32 -20.24
CA GLY A 265 -5.63 -3.16 -21.59
C GLY A 265 -6.74 -2.12 -21.65
N ILE A 266 -6.87 -1.30 -20.61
CA ILE A 266 -8.02 -0.38 -20.44
C ILE A 266 -7.76 0.96 -21.13
N CYS A 267 -6.56 1.47 -21.02
CA CYS A 267 -6.27 2.82 -21.57
C CYS A 267 -4.76 3.01 -21.58
N HIS A 268 -4.31 4.07 -22.23
CA HIS A 268 -2.89 4.48 -22.24
C HIS A 268 -2.62 5.17 -20.91
N ARG A 269 -1.40 5.04 -20.39
CA ARG A 269 -1.02 5.60 -19.07
C ARG A 269 -1.19 7.13 -19.10
N ASP A 270 -1.08 7.77 -20.27
CA ASP A 270 -1.17 9.25 -20.35
C ASP A 270 -2.62 9.71 -20.14
N GLN A 271 -3.62 8.82 -20.19
CA GLN A 271 -5.04 9.20 -20.00
C GLN A 271 -5.40 9.01 -18.52
N VAL A 272 -4.41 8.67 -17.69
CA VAL A 272 -4.57 8.55 -16.21
C VAL A 272 -3.87 9.72 -15.51
N THR A 273 -4.59 10.44 -14.67
CA THR A 273 -4.05 11.56 -13.89
C THR A 273 -4.45 11.43 -12.43
N VAL A 274 -3.51 11.64 -11.51
CA VAL A 274 -3.74 11.46 -10.05
C VAL A 274 -3.32 12.76 -9.37
N GLY A 275 -4.19 13.26 -8.51
CA GLY A 275 -3.94 14.42 -7.65
C GLY A 275 -4.70 14.29 -6.35
N GLY A 276 -4.44 15.17 -5.41
CA GLY A 276 -5.24 15.18 -4.19
C GLY A 276 -4.72 16.21 -3.21
N VAL A 277 -5.27 16.14 -2.00
CA VAL A 277 -5.07 17.15 -0.94
C VAL A 277 -4.77 16.37 0.33
N VAL A 278 -3.64 16.65 0.98
CA VAL A 278 -3.49 16.18 2.38
C VAL A 278 -3.47 17.42 3.27
N ASP A 279 -4.39 17.42 4.21
CA ASP A 279 -4.53 18.46 5.25
C ASP A 279 -3.87 17.89 6.50
N THR A 280 -2.68 18.41 6.81
CA THR A 280 -1.81 17.95 7.92
C THR A 280 -2.34 18.49 9.26
N ARG A 281 -3.36 19.35 9.24
CA ARG A 281 -3.85 20.11 10.43
C ARG A 281 -5.31 19.77 10.75
N ASN A 282 -5.91 18.71 10.19
CA ASN A 282 -7.33 18.39 10.41
C ASN A 282 -7.58 16.90 10.18
N PRO A 283 -8.19 16.16 11.13
CA PRO A 283 -8.55 14.76 10.90
C PRO A 283 -9.62 14.61 9.80
N LYS A 284 -10.42 15.66 9.57
CA LYS A 284 -11.53 15.65 8.58
C LYS A 284 -10.94 15.62 7.17
N LYS A 285 -11.45 14.73 6.34
CA LYS A 285 -10.95 14.60 4.96
C LYS A 285 -11.26 15.89 4.22
N PRO A 286 -10.27 16.52 3.57
CA PRO A 286 -10.44 17.86 3.02
C PRO A 286 -11.27 17.93 1.72
N LEU A 287 -11.50 16.80 1.07
CA LEU A 287 -12.42 16.66 -0.09
C LEU A 287 -12.74 15.18 -0.21
N SER A 288 -13.76 14.81 -1.00
CA SER A 288 -14.19 13.41 -1.10
C SER A 288 -13.33 12.73 -2.16
N THR A 289 -12.62 11.67 -1.76
CA THR A 289 -11.82 10.83 -2.68
C THR A 289 -12.79 10.24 -3.71
N HIS A 290 -12.45 10.40 -5.00
CA HIS A 290 -13.25 9.80 -6.09
C HIS A 290 -12.36 9.50 -7.29
N VAL A 291 -12.86 8.63 -8.16
CA VAL A 291 -12.23 8.37 -9.48
C VAL A 291 -13.35 8.53 -10.49
N LYS A 292 -13.07 9.26 -11.56
CA LYS A 292 -14.05 9.57 -12.62
C LYS A 292 -13.52 8.92 -13.89
N ILE A 293 -14.30 8.05 -14.52
CA ILE A 293 -13.87 7.31 -15.73
C ILE A 293 -14.73 7.84 -16.87
N THR A 294 -14.11 8.52 -17.83
CA THR A 294 -14.79 9.12 -18.98
C THR A 294 -14.45 8.31 -20.22
N GLY A 295 -15.45 7.98 -21.02
CA GLY A 295 -15.21 7.32 -22.32
C GLY A 295 -16.36 7.52 -23.27
N ARG A 296 -16.26 6.87 -24.44
CA ARG A 296 -17.30 6.82 -25.48
C ARG A 296 -17.86 5.39 -25.50
N THR A 297 -19.18 5.29 -25.46
CA THR A 297 -19.91 4.01 -25.50
C THR A 297 -20.00 3.54 -26.96
N PHE A 298 -20.46 2.30 -27.16
CA PHE A 298 -20.58 1.71 -28.53
C PHE A 298 -21.61 2.52 -29.33
N GLU A 299 -22.51 3.25 -28.68
CA GLU A 299 -23.55 4.11 -29.30
C GLU A 299 -22.96 5.49 -29.66
N GLY A 300 -21.67 5.72 -29.41
CA GLY A 300 -20.97 6.99 -29.71
C GLY A 300 -21.23 8.06 -28.68
N LYS A 301 -21.83 7.75 -27.53
CA LYS A 301 -22.19 8.74 -26.49
C LYS A 301 -21.01 8.90 -25.52
N ILE A 302 -20.67 10.13 -25.18
CA ILE A 302 -19.57 10.40 -24.22
C ILE A 302 -20.20 10.51 -22.83
N SER A 303 -19.62 9.83 -21.85
CA SER A 303 -20.20 9.80 -20.50
C SER A 303 -19.10 9.46 -19.50
N SER A 304 -19.46 9.59 -18.23
CA SER A 304 -18.55 9.41 -17.09
C SER A 304 -19.26 8.61 -15.99
N HIS A 305 -18.53 7.64 -15.42
CA HIS A 305 -18.88 6.95 -14.15
C HIS A 305 -18.01 7.56 -13.04
N THR A 306 -18.55 7.68 -11.84
CA THR A 306 -17.78 8.20 -10.67
C THR A 306 -17.92 7.25 -9.49
N PHE A 307 -16.78 6.89 -8.92
CA PHE A 307 -16.73 6.08 -7.69
C PHE A 307 -16.22 6.99 -6.58
N THR A 308 -17.01 7.20 -5.54
CA THR A 308 -16.71 8.18 -4.47
C THR A 308 -16.60 7.44 -3.15
N LEU A 309 -15.57 7.75 -2.36
CA LEU A 309 -15.35 7.09 -1.03
C LEU A 309 -16.05 7.92 0.05
N GLY A 310 -16.53 7.27 1.09
CA GLY A 310 -17.14 7.94 2.25
C GLY A 310 -16.09 8.72 3.00
N ASP A 311 -16.43 9.92 3.48
CA ASP A 311 -15.44 10.84 4.08
C ASP A 311 -14.94 10.31 5.43
N GLU A 312 -15.70 9.42 6.06
CA GLU A 312 -15.34 8.81 7.36
C GLU A 312 -14.61 7.48 7.17
N THR A 313 -14.35 7.06 5.91
CA THR A 313 -13.37 5.98 5.62
C THR A 313 -12.00 6.65 5.59
N SER A 314 -11.12 6.26 6.51
CA SER A 314 -9.78 6.85 6.63
C SER A 314 -8.87 6.26 5.56
N MET A 315 -7.75 6.92 5.34
CA MET A 315 -6.63 6.39 4.53
C MET A 315 -6.28 4.98 5.00
N ALA A 316 -6.12 4.77 6.31
CA ALA A 316 -5.79 3.44 6.85
C ALA A 316 -6.78 2.39 6.36
N ALA A 317 -8.11 2.66 6.44
CA ALA A 317 -9.17 1.71 6.09
C ALA A 317 -9.07 1.46 4.58
N ASN A 318 -8.90 2.52 3.81
CA ASN A 318 -8.95 2.44 2.32
C ASN A 318 -7.64 1.91 1.74
N VAL A 319 -6.56 1.89 2.50
CA VAL A 319 -5.27 1.27 2.11
C VAL A 319 -5.23 -0.17 2.62
N CYS A 320 -5.35 -0.36 3.93
CA CYS A 320 -5.18 -1.69 4.57
C CYS A 320 -6.34 -2.64 4.26
N GLY A 321 -7.58 -2.16 4.14
CA GLY A 321 -8.69 -3.05 3.81
C GLY A 321 -8.44 -3.76 2.49
N PRO A 322 -8.26 -2.98 1.40
CA PRO A 322 -7.92 -3.59 0.11
C PRO A 322 -6.66 -4.45 0.17
N ALA A 323 -5.63 -4.00 0.86
CA ALA A 323 -4.34 -4.74 0.94
C ALA A 323 -4.61 -6.18 1.38
N PHE A 324 -5.41 -6.40 2.44
CA PHE A 324 -5.67 -7.78 2.90
C PHE A 324 -6.69 -8.47 2.01
N GLY A 325 -7.63 -7.73 1.37
CA GLY A 325 -8.52 -8.30 0.35
C GLY A 325 -7.70 -8.86 -0.82
N TYR A 326 -6.65 -8.16 -1.20
CA TYR A 326 -5.75 -8.64 -2.28
C TYR A 326 -4.85 -9.77 -1.77
N LEU A 327 -4.44 -9.75 -0.51
CA LEU A 327 -3.61 -10.85 0.06
C LEU A 327 -4.48 -12.11 -0.02
N LYS A 328 -5.74 -12.02 0.39
CA LYS A 328 -6.67 -13.17 0.36
C LYS A 328 -6.87 -13.64 -1.09
N ALA A 329 -7.10 -12.73 -2.06
CA ALA A 329 -7.25 -13.06 -3.50
C ALA A 329 -5.96 -13.73 -4.01
N GLY A 330 -4.83 -13.15 -3.63
CA GLY A 330 -3.50 -13.65 -3.96
C GLY A 330 -3.31 -15.08 -3.50
N TYR A 331 -3.72 -15.39 -2.27
CA TYR A 331 -3.58 -16.77 -1.71
C TYR A 331 -4.42 -17.73 -2.56
N GLY A 332 -5.61 -17.28 -2.97
CA GLY A 332 -6.52 -18.05 -3.85
C GLY A 332 -5.84 -18.37 -5.15
N LEU A 333 -5.09 -17.41 -5.69
CA LEU A 333 -4.32 -17.56 -6.96
C LEU A 333 -3.15 -18.51 -6.73
N HIS A 334 -2.49 -18.35 -5.58
CA HIS A 334 -1.32 -19.15 -5.15
C HIS A 334 -1.74 -20.61 -4.99
N ARG A 335 -2.88 -20.85 -4.35
CA ARG A 335 -3.41 -22.22 -4.06
C ARG A 335 -3.82 -22.89 -5.38
N GLN A 336 -4.03 -22.13 -6.46
CA GLN A 336 -4.35 -22.76 -7.78
C GLN A 336 -3.09 -22.77 -8.65
N GLY A 337 -1.91 -22.48 -8.08
CA GLY A 337 -0.61 -22.67 -8.74
C GLY A 337 -0.19 -21.46 -9.55
N LEU A 338 -0.91 -20.34 -9.42
CA LEU A 338 -0.67 -19.10 -10.22
C LEU A 338 0.27 -18.20 -9.43
N LYS A 339 1.51 -18.10 -9.91
CA LYS A 339 2.61 -17.33 -9.29
C LYS A 339 2.94 -16.16 -10.24
N GLY A 340 3.74 -15.23 -9.73
CA GLY A 340 4.22 -14.07 -10.49
C GLY A 340 3.60 -12.80 -9.92
N LEU A 341 3.39 -11.82 -10.79
CA LEU A 341 3.02 -10.44 -10.43
C LEU A 341 1.60 -10.17 -10.92
N PHE A 342 0.75 -9.71 -10.01
CA PHE A 342 -0.62 -9.21 -10.31
C PHE A 342 -0.75 -7.81 -9.76
N THR A 343 -1.48 -6.94 -10.46
CA THR A 343 -1.88 -5.61 -9.95
C THR A 343 -3.33 -5.63 -9.48
N ALA A 344 -3.74 -4.58 -8.79
CA ALA A 344 -5.11 -4.45 -8.27
C ALA A 344 -6.09 -4.37 -9.44
N ALA A 345 -5.65 -3.89 -10.60
CA ALA A 345 -6.49 -3.80 -11.82
C ALA A 345 -6.72 -5.21 -12.40
N ASP A 346 -5.91 -6.17 -12.06
CA ASP A 346 -6.01 -7.50 -12.64
C ASP A 346 -6.89 -8.55 -11.98
N VAL A 347 -7.16 -8.42 -10.69
CA VAL A 347 -7.82 -9.44 -9.90
C VAL A 347 -8.89 -8.86 -8.96
N MET A 348 -9.97 -9.57 -8.74
CA MET A 348 -11.00 -9.17 -7.80
C MET A 348 -10.54 -9.50 -6.36
N PRO A 349 -10.44 -8.50 -5.50
CA PRO A 349 -10.06 -8.74 -4.12
C PRO A 349 -11.19 -9.54 -3.43
N LYS A 350 -10.84 -10.31 -2.42
CA LYS A 350 -11.78 -11.17 -1.65
C LYS A 350 -12.03 -10.55 -0.27
N PHE A 351 -13.30 -10.46 0.12
CA PHE A 351 -13.65 -9.86 1.43
C PHE A 351 -13.10 -10.77 2.53
N VAL A 352 -12.39 -10.19 3.49
CA VAL A 352 -11.74 -10.95 4.61
C VAL A 352 -12.67 -10.86 5.83
N ARG A 353 -13.03 -12.01 6.37
CA ARG A 353 -13.82 -12.12 7.63
C ARG A 353 -12.92 -12.60 8.77
#